data_3CVX
#
_entry.id   3CVX
#
_cell.length_a   87.410
_cell.length_b   89.040
_cell.length_c   90.160
_cell.angle_alpha   90.00
_cell.angle_beta   90.00
_cell.angle_gamma   90.00
#
_symmetry.space_group_name_H-M   'P 21 21 21'
#
loop_
_entity.id
_entity.type
_entity.pdbx_description
1 polymer "DNA (5'-D(*DAP*DCP*DAP*DGP*DCP*DGP*DGP*(64T)P*(5PY)P*DGP*DCP*DAP*DGP*DGP*DT)-3')"
2 polymer "DNA (5'-D(*DTP*DAP*DCP*DCP*DTP*DGP*DCP*DAP*DAP*DCP*DCP*DGP*DCP*DTP*DG)-3')"
3 polymer RE11660p
4 non-polymer 'FLAVIN-ADENINE DINUCLEOTIDE'
5 water water
#
loop_
_entity_poly.entity_id
_entity_poly.type
_entity_poly.pdbx_seq_one_letter_code
_entity_poly.pdbx_strand_id
1 'polydeoxyribonucleotide' (DA)(DC)(DA)(DG)(DC)(DG)(DG)(64T)(5PY)(DG)(DC)(DA)(DG)(DG)(DT) C
2 'polydeoxyribonucleotide' (DT)(DA)(DC)(DC)(DT)(DG)(DC)(DA)(DA)(DC)(DC)(DG)(DC)(DT)(DG) D
3 'polypeptide(L)'
;MASWSHPQFEKGASTSLYKKAGLMDSQRSTLVHWFRKGLRLHDNPALSHIFTAANAAPGRYFVRPIFILDPGILDWMQVG
ANRWRFLQQTLEDLDNQLRKLNSRLFVVRGKPAEVFPRIFKSWRVEMLTFETDIEPYSVTRDAAVQKLAKAEGVRVETHC
SHTIYNPELVIAKNLGKAPITYQKFLGIVEQLKVPKVLGVPEKLKNMPTPPKDEVEQKDSAAYDCPTMKQLVKRPEELGP
NKFPGGETEALRRMEESLKDEIWVARFEKPNTAPNSLEPSTTVLSPYLKFGCLSARLFNQKLKEIIKRQPKHSQPPVSLI
GQLMWREFYYTVAAAEPNFDRMLGNVYCMQIPWQEHPDHLEAWTHGRTGYPFIDAIMRQLRQEGWIHHLARMAVACFLTR
GDLWISWEEGQRVFEQLLLDQDWALNAGNWMWLSASAFFHQYFRVYSPVAFGKKTDPQGHYIRKYVPELSKYPAGCIYEP
WKASLVDQRAYGCVLGTDYPHRIVKHEVVHKENIKRMGAAYKVNREVRTGKEEESSFEEKSET
;
A
#
loop_
_chem_comp.id
_chem_comp.type
_chem_comp.name
_chem_comp.formula
5PY DNA linking 1-(2'-DEOXY-5'-O-PHOSPHONO-BETA-D-ERYTHRO-PENTOFURANOSYL)-5-METHYLPYRIMIDIN-2(1H)-ONE 'C10 H15 N2 O7 P'
64T DNA linking 5-HYDROXY-THYMIDINE-5'-MONOPHOSPHATE 'C10 H17 N2 O9 P'
DA DNA linking 2'-DEOXYADENOSINE-5'-MONOPHOSPHATE 'C10 H14 N5 O6 P'
DC DNA linking 2'-DEOXYCYTIDINE-5'-MONOPHOSPHATE 'C9 H14 N3 O7 P'
DG DNA linking 2'-DEOXYGUANOSINE-5'-MONOPHOSPHATE 'C10 H14 N5 O7 P'
DT DNA linking THYMIDINE-5'-MONOPHOSPHATE 'C10 H15 N2 O8 P'
FAD non-polymer 'FLAVIN-ADENINE DINUCLEOTIDE' 'C27 H33 N9 O15 P2'
#
# COMPACT_ATOMS: atom_id res chain seq x y z
P 64T A 8 -0.17 8.54 19.28
OP1 64T A 8 -1.42 7.99 18.73
OP2 64T A 8 0.61 7.72 20.23
O5' 64T A 8 0.82 8.89 18.07
C5' 64T A 8 0.57 9.96 17.16
C4' 64T A 8 1.88 10.44 16.58
O4' 64T A 8 2.38 9.45 15.66
C3' 64T A 8 1.79 11.69 15.73
O3' 64T A 8 1.75 12.85 16.54
C2' 64T A 8 3.07 11.59 14.90
C1' 64T A 8 3.19 10.08 14.69
N1 64T A 8 2.91 9.48 13.30
C2 64T A 8 3.92 8.88 12.71
O2 64T A 8 5.06 8.79 13.20
N3 64T A 8 3.72 8.32 11.44
C4 64T A 8 2.51 8.33 10.74
O4 64T A 8 2.46 7.80 9.64
C5 64T A 8 1.29 8.66 11.57
C5M 64T A 8 0.75 7.41 12.26
O5 64T A 8 0.25 9.18 10.74
C6 64T A 8 1.64 9.78 12.60
P 5PY A 9 0.59 13.94 16.36
OP2 5PY A 9 -0.68 13.25 16.02
OP1 5PY A 9 0.66 14.81 17.56
O5' 5PY A 9 1.05 14.75 15.06
C5' 5PY A 9 2.07 15.76 15.15
C4' 5PY A 9 2.53 16.19 13.76
O4' 5PY A 9 3.23 15.08 13.15
C1' 5PY A 9 2.93 15.03 11.77
N1 5PY A 9 2.34 13.68 11.44
C2 5PY A 9 3.21 12.67 11.19
O2 5PY A 9 4.37 12.88 10.75
N3 5PY A 9 2.79 11.39 11.44
C4 5PY A 9 1.58 11.15 11.91
C5 5PY A 9 0.66 12.15 12.17
C5M 5PY A 9 -0.75 11.95 12.69
C6 5PY A 9 1.08 13.41 11.91
C2' 5PY A 9 2.04 16.23 11.43
C3' 5PY A 9 1.42 16.55 12.79
O3' 5PY A 9 1.08 17.92 12.88
N GLN C 27 6.64 -39.01 -13.82
CA GLN C 27 5.34 -39.20 -13.11
C GLN C 27 5.47 -39.13 -11.59
N ARG C 28 5.47 -37.91 -11.07
CA ARG C 28 5.67 -37.65 -9.64
C ARG C 28 4.44 -36.95 -9.06
N SER C 29 4.65 -36.25 -7.94
CA SER C 29 3.65 -35.36 -7.36
C SER C 29 4.11 -33.90 -7.40
N THR C 30 3.16 -32.97 -7.33
CA THR C 30 3.47 -31.54 -7.42
C THR C 30 3.33 -30.83 -6.10
N LEU C 31 4.34 -30.01 -5.78
CA LEU C 31 4.29 -29.10 -4.64
C LEU C 31 4.05 -27.68 -5.13
N VAL C 32 3.00 -27.05 -4.62
CA VAL C 32 2.62 -25.71 -5.04
C VAL C 32 2.82 -24.67 -3.95
N HIS C 33 3.58 -23.63 -4.26
CA HIS C 33 3.52 -22.40 -3.50
C HIS C 33 2.70 -21.41 -4.31
N TRP C 34 1.72 -20.79 -3.65
CA TRP C 34 0.84 -19.84 -4.31
C TRP C 34 1.18 -18.42 -3.88
N PHE C 35 1.68 -17.63 -4.84
CA PHE C 35 1.98 -16.23 -4.62
C PHE C 35 0.72 -15.38 -4.76
N ARG C 36 0.55 -14.46 -3.80
CA ARG C 36 -0.49 -13.45 -3.90
C ARG C 36 0.17 -12.14 -3.50
N LYS C 37 0.28 -11.91 -2.20
CA LYS C 37 1.23 -10.96 -1.66
C LYS C 37 2.50 -11.75 -1.39
N GLY C 38 3.50 -11.10 -0.82
CA GLY C 38 4.78 -11.76 -0.54
C GLY C 38 5.44 -12.24 -1.82
N LEU C 39 5.74 -11.29 -2.70
CA LEU C 39 6.35 -11.59 -3.97
C LEU C 39 7.88 -11.44 -3.85
N ARG C 40 8.47 -12.39 -3.13
CA ARG C 40 9.91 -12.41 -2.83
C ARG C 40 10.39 -13.84 -2.56
N LEU C 41 11.69 -14.07 -2.72
CA LEU C 41 12.31 -15.33 -2.31
C LEU C 41 12.82 -15.25 -0.88
N HIS C 42 13.40 -14.10 -0.53
CA HIS C 42 13.97 -13.89 0.80
C HIS C 42 12.88 -13.86 1.86
N ASP C 43 13.20 -14.42 3.03
CA ASP C 43 12.25 -14.53 4.15
C ASP C 43 10.84 -14.84 3.68
N ASN C 44 10.70 -15.98 3.00
CA ASN C 44 9.40 -16.50 2.62
C ASN C 44 9.29 -17.96 3.07
N PRO C 45 8.88 -18.17 4.33
CA PRO C 45 8.82 -19.53 4.89
C PRO C 45 7.88 -20.45 4.11
N ALA C 46 6.77 -19.90 3.62
CA ALA C 46 5.81 -20.65 2.82
C ALA C 46 6.43 -21.18 1.53
N LEU C 47 7.34 -20.41 0.94
CA LEU C 47 8.07 -20.84 -0.25
C LEU C 47 9.22 -21.78 0.10
N SER C 48 9.98 -21.43 1.14
CA SER C 48 11.11 -22.24 1.59
C SER C 48 10.72 -23.67 1.97
N HIS C 49 9.54 -23.80 2.60
CA HIS C 49 9.02 -25.10 3.01
C HIS C 49 8.81 -26.02 1.81
N ILE C 50 8.35 -25.46 0.69
CA ILE C 50 8.18 -26.22 -0.55
C ILE C 50 9.54 -26.67 -1.07
N PHE C 51 10.50 -25.75 -1.10
CA PHE C 51 11.82 -26.00 -1.64
C PHE C 51 12.63 -26.99 -0.77
N THR C 52 12.61 -26.78 0.54
CA THR C 52 13.36 -27.64 1.47
C THR C 52 12.73 -29.01 1.64
N ALA C 53 11.45 -29.14 1.30
CA ALA C 53 10.79 -30.44 1.27
C ALA C 53 11.26 -31.19 0.03
N ALA C 54 11.23 -30.52 -1.11
CA ALA C 54 11.56 -31.11 -2.41
C ALA C 54 13.00 -31.61 -2.46
N ASN C 55 13.95 -30.76 -2.08
CA ASN C 55 15.36 -31.14 -2.07
C ASN C 55 15.71 -32.21 -1.02
N ALA C 56 14.94 -32.25 0.07
CA ALA C 56 15.10 -33.26 1.10
C ALA C 56 14.26 -34.52 0.82
N ALA C 57 13.76 -34.62 -0.40
CA ALA C 57 13.05 -35.81 -0.88
C ALA C 57 13.23 -35.95 -2.40
N PRO C 58 14.51 -36.05 -2.84
CA PRO C 58 14.88 -35.86 -4.25
C PRO C 58 14.07 -36.72 -5.23
N GLY C 59 13.84 -36.18 -6.42
CA GLY C 59 13.25 -36.94 -7.54
C GLY C 59 11.83 -37.45 -7.36
N ARG C 60 11.16 -37.04 -6.28
CA ARG C 60 9.80 -37.48 -6.00
C ARG C 60 8.77 -36.40 -6.30
N TYR C 61 9.23 -35.18 -6.57
CA TYR C 61 8.34 -34.02 -6.69
C TYR C 61 8.59 -33.13 -7.91
N PHE C 62 7.55 -32.36 -8.27
CA PHE C 62 7.68 -31.22 -9.17
C PHE C 62 7.21 -29.98 -8.43
N VAL C 63 7.93 -28.88 -8.62
CA VAL C 63 7.62 -27.62 -7.94
C VAL C 63 6.91 -26.67 -8.90
N ARG C 64 5.80 -26.10 -8.42
CA ARG C 64 5.04 -25.11 -9.17
C ARG C 64 4.78 -23.86 -8.33
N PRO C 65 5.73 -22.91 -8.33
CA PRO C 65 5.49 -21.61 -7.71
C PRO C 65 4.59 -20.79 -8.63
N ILE C 66 3.35 -20.60 -8.21
CA ILE C 66 2.34 -20.00 -9.09
C ILE C 66 1.84 -18.64 -8.63
N PHE C 67 1.39 -17.85 -9.60
CA PHE C 67 0.62 -16.65 -9.34
C PHE C 67 -0.66 -16.76 -10.13
N ILE C 68 -1.80 -16.58 -9.46
CA ILE C 68 -3.09 -16.68 -10.12
C ILE C 68 -3.58 -15.30 -10.58
N LEU C 69 -3.65 -15.12 -11.88
CA LEU C 69 -4.01 -13.85 -12.48
C LEU C 69 -5.42 -13.91 -13.06
N ASP C 70 -6.25 -12.95 -12.67
CA ASP C 70 -7.58 -12.81 -13.25
C ASP C 70 -7.52 -11.82 -14.40
N PRO C 71 -7.56 -12.32 -15.65
CA PRO C 71 -7.40 -11.46 -16.82
C PRO C 71 -8.64 -10.61 -17.07
N GLY C 72 -9.76 -11.00 -16.48
CA GLY C 72 -11.01 -10.25 -16.55
C GLY C 72 -10.93 -8.88 -15.89
N ILE C 73 -10.20 -8.80 -14.77
CA ILE C 73 -10.06 -7.53 -14.03
C ILE C 73 -8.75 -6.80 -14.36
N LEU C 74 -8.60 -6.40 -15.61
CA LEU C 74 -7.45 -5.58 -16.02
C LEU C 74 -7.85 -4.14 -16.34
N ASP C 75 -9.12 -3.96 -16.72
CA ASP C 75 -9.67 -2.65 -17.00
C ASP C 75 -10.84 -2.29 -16.08
N TRP C 76 -10.74 -2.73 -14.83
CA TRP C 76 -11.61 -2.30 -13.74
C TRP C 76 -10.97 -1.08 -13.05
N MET C 77 -11.68 0.05 -13.13
CA MET C 77 -11.22 1.38 -12.67
C MET C 77 -10.16 1.41 -11.56
N GLN C 78 -10.42 0.68 -10.47
CA GLN C 78 -9.71 0.83 -9.21
C GLN C 78 -8.23 0.42 -9.21
N VAL C 79 -7.70 0.08 -10.38
CA VAL C 79 -6.27 -0.17 -10.54
C VAL C 79 -5.73 0.69 -11.68
N GLY C 80 -4.99 1.73 -11.31
CA GLY C 80 -4.34 2.60 -12.29
C GLY C 80 -3.26 1.87 -13.06
N ALA C 81 -2.86 2.43 -14.20
CA ALA C 81 -1.85 1.82 -15.05
C ALA C 81 -0.51 1.67 -14.33
N ASN C 82 -0.18 2.67 -13.50
CA ASN C 82 1.08 2.69 -12.77
C ASN C 82 1.28 1.45 -11.89
N ARG C 83 0.22 1.01 -11.21
CA ARG C 83 0.27 -0.18 -10.37
C ARG C 83 0.36 -1.46 -11.20
N TRP C 84 -0.30 -1.46 -12.36
CA TRP C 84 -0.20 -2.58 -13.30
C TRP C 84 1.23 -2.77 -13.79
N ARG C 85 1.94 -1.65 -13.99
CA ARG C 85 3.35 -1.68 -14.34
C ARG C 85 4.17 -2.29 -13.20
N PHE C 86 3.87 -1.88 -11.98
CA PHE C 86 4.59 -2.38 -10.81
C PHE C 86 4.47 -3.90 -10.71
N LEU C 87 3.26 -4.42 -10.90
CA LEU C 87 3.03 -5.88 -10.85
C LEU C 87 3.76 -6.59 -11.99
N GLN C 88 3.68 -6.03 -13.19
CA GLN C 88 4.35 -6.57 -14.36
C GLN C 88 5.85 -6.71 -14.12
N GLN C 89 6.44 -5.68 -13.52
CA GLN C 89 7.87 -5.67 -13.20
C GLN C 89 8.20 -6.63 -12.07
N THR C 90 7.28 -6.76 -11.11
CA THR C 90 7.45 -7.66 -9.97
C THR C 90 7.40 -9.13 -10.37
N LEU C 91 6.45 -9.48 -11.24
CA LEU C 91 6.31 -10.84 -11.71
C LEU C 91 7.50 -11.25 -12.57
N GLU C 92 8.03 -10.28 -13.31
CA GLU C 92 9.19 -10.51 -14.17
C GLU C 92 10.45 -10.73 -13.34
N ASP C 93 10.58 -10.01 -12.23
CA ASP C 93 11.70 -10.19 -11.33
C ASP C 93 11.61 -11.52 -10.59
N LEU C 94 10.44 -11.76 -9.98
CA LEU C 94 10.18 -13.01 -9.25
C LEU C 94 10.55 -14.22 -10.09
N ASP C 95 10.18 -14.19 -11.38
CA ASP C 95 10.53 -15.26 -12.32
C ASP C 95 12.04 -15.36 -12.51
N ASN C 96 12.71 -14.23 -12.66
CA ASN C 96 14.16 -14.20 -12.85
C ASN C 96 14.91 -14.73 -11.64
N GLN C 97 14.33 -14.49 -10.47
CA GLN C 97 14.91 -14.95 -9.20
C GLN C 97 14.64 -16.43 -8.96
N LEU C 98 13.48 -16.90 -9.39
CA LEU C 98 13.12 -18.31 -9.32
C LEU C 98 13.93 -19.13 -10.33
N ARG C 99 14.26 -18.50 -11.45
CA ARG C 99 15.08 -19.11 -12.50
C ARG C 99 16.44 -19.53 -11.97
N LYS C 100 17.03 -18.67 -11.14
CA LYS C 100 18.34 -18.89 -10.53
C LYS C 100 18.37 -20.09 -9.57
N LEU C 101 17.19 -20.40 -9.01
CA LEU C 101 17.03 -21.54 -8.11
C LEU C 101 16.57 -22.80 -8.83
N ASN C 102 16.85 -22.87 -10.14
CA ASN C 102 16.48 -24.00 -10.99
C ASN C 102 14.96 -24.24 -11.12
N SER C 103 14.18 -23.18 -10.97
CA SER C 103 12.74 -23.24 -11.13
C SER C 103 12.26 -22.12 -12.07
N ARG C 104 11.01 -21.70 -11.90
CA ARG C 104 10.42 -20.58 -12.63
C ARG C 104 9.08 -20.20 -12.00
N LEU C 105 8.52 -19.07 -12.44
CA LEU C 105 7.19 -18.67 -12.01
C LEU C 105 6.15 -19.19 -13.00
N PHE C 106 4.94 -19.42 -12.51
CA PHE C 106 3.83 -19.84 -13.35
C PHE C 106 2.64 -18.91 -13.14
N VAL C 107 2.48 -17.95 -14.06
CA VAL C 107 1.38 -17.00 -13.99
C VAL C 107 0.15 -17.63 -14.64
N VAL C 108 -0.63 -18.34 -13.83
CA VAL C 108 -1.81 -19.06 -14.30
C VAL C 108 -2.99 -18.11 -14.41
N ARG C 109 -3.60 -18.07 -15.59
CA ARG C 109 -4.73 -17.19 -15.84
C ARG C 109 -6.05 -17.82 -15.39
N GLY C 110 -6.90 -17.00 -14.78
CA GLY C 110 -8.22 -17.46 -14.34
C GLY C 110 -8.55 -17.10 -12.90
N LYS C 111 -9.79 -17.37 -12.51
CA LYS C 111 -10.22 -17.23 -11.12
C LYS C 111 -9.79 -18.47 -10.33
N PRO C 112 -9.31 -18.28 -9.09
CA PRO C 112 -8.82 -19.38 -8.25
C PRO C 112 -9.82 -20.53 -8.09
N ALA C 113 -11.10 -20.19 -7.96
CA ALA C 113 -12.17 -21.18 -7.79
C ALA C 113 -12.25 -22.16 -8.97
N GLU C 114 -12.06 -21.65 -10.18
CA GLU C 114 -12.02 -22.48 -11.38
C GLU C 114 -10.66 -23.17 -11.50
N VAL C 115 -9.60 -22.41 -11.30
CA VAL C 115 -8.22 -22.86 -11.55
C VAL C 115 -7.76 -24.04 -10.68
N PHE C 116 -7.91 -23.92 -9.36
CA PHE C 116 -7.43 -24.96 -8.44
C PHE C 116 -7.86 -26.41 -8.75
N PRO C 117 -9.18 -26.68 -8.90
CA PRO C 117 -9.64 -28.05 -9.15
C PRO C 117 -8.94 -28.72 -10.34
N ARG C 118 -8.78 -27.97 -11.43
CA ARG C 118 -8.10 -28.44 -12.63
C ARG C 118 -6.64 -28.82 -12.34
N ILE C 119 -5.89 -27.85 -11.78
CA ILE C 119 -4.46 -28.04 -11.52
C ILE C 119 -4.19 -29.01 -10.35
N PHE C 120 -5.19 -29.20 -9.49
CA PHE C 120 -5.08 -30.21 -8.43
C PHE C 120 -5.00 -31.63 -9.02
N LYS C 121 -5.88 -31.92 -9.96
CA LYS C 121 -5.94 -33.23 -10.62
C LYS C 121 -4.82 -33.42 -11.64
N SER C 122 -4.61 -32.41 -12.48
CA SER C 122 -3.66 -32.51 -13.58
C SER C 122 -2.20 -32.41 -13.15
N TRP C 123 -1.96 -31.81 -11.99
CA TRP C 123 -0.60 -31.74 -11.43
C TRP C 123 -0.36 -32.76 -10.32
N ARG C 124 -1.44 -33.37 -9.83
CA ARG C 124 -1.38 -34.35 -8.73
C ARG C 124 -0.74 -33.71 -7.49
N VAL C 125 -1.29 -32.56 -7.09
CA VAL C 125 -0.73 -31.73 -6.02
C VAL C 125 -0.85 -32.40 -4.65
N GLU C 126 0.28 -32.54 -3.97
CA GLU C 126 0.31 -33.11 -2.62
C GLU C 126 0.29 -32.07 -1.52
N MET C 127 0.79 -30.86 -1.84
CA MET C 127 0.81 -29.78 -0.86
C MET C 127 0.65 -28.38 -1.48
N LEU C 128 -0.03 -27.51 -0.75
CA LEU C 128 -0.23 -26.12 -1.16
C LEU C 128 0.20 -25.21 -0.01
N THR C 129 1.00 -24.19 -0.32
CA THR C 129 1.40 -23.21 0.68
C THR C 129 1.20 -21.78 0.18
N PHE C 130 0.91 -20.88 1.13
CA PHE C 130 0.79 -19.45 0.85
C PHE C 130 0.88 -18.64 2.13
N GLU C 131 1.24 -17.37 1.98
CA GLU C 131 1.25 -16.40 3.08
C GLU C 131 -0.20 -16.00 3.40
N THR C 132 -0.51 -15.81 4.67
CA THR C 132 -1.87 -15.43 5.07
C THR C 132 -2.16 -13.99 4.74
N ASP C 133 -3.43 -13.70 4.44
CA ASP C 133 -3.88 -12.36 4.13
C ASP C 133 -5.14 -12.05 4.94
N ILE C 134 -5.03 -11.12 5.89
CA ILE C 134 -6.12 -10.80 6.81
C ILE C 134 -7.37 -10.19 6.14
N GLU C 135 -7.17 -9.62 4.96
CA GLU C 135 -8.25 -8.99 4.19
C GLU C 135 -9.48 -9.90 4.04
N PRO C 136 -10.69 -9.31 4.02
CA PRO C 136 -11.92 -10.12 3.99
C PRO C 136 -12.04 -10.92 2.69
N TYR C 137 -11.96 -10.22 1.55
CA TYR C 137 -12.07 -10.82 0.23
C TYR C 137 -11.18 -12.04 0.06
N SER C 138 -10.05 -12.03 0.75
CA SER C 138 -9.09 -13.14 0.71
C SER C 138 -9.38 -14.20 1.79
N VAL C 139 -9.81 -13.77 2.97
CA VAL C 139 -10.14 -14.70 4.06
C VAL C 139 -11.16 -15.74 3.58
N THR C 140 -12.22 -15.26 2.91
CA THR C 140 -13.29 -16.12 2.39
C THR C 140 -12.86 -16.93 1.17
N ARG C 141 -11.99 -16.32 0.35
CA ARG C 141 -11.44 -16.99 -0.83
C ARG C 141 -10.45 -18.09 -0.44
N ASP C 142 -9.58 -17.80 0.52
CA ASP C 142 -8.62 -18.77 1.01
C ASP C 142 -9.30 -19.96 1.68
N ALA C 143 -10.27 -19.67 2.55
CA ALA C 143 -11.06 -20.70 3.22
C ALA C 143 -11.77 -21.60 2.20
N ALA C 144 -12.27 -20.99 1.12
CA ALA C 144 -12.90 -21.73 0.02
C ALA C 144 -11.91 -22.68 -0.66
N VAL C 145 -10.67 -22.21 -0.83
CA VAL C 145 -9.61 -23.04 -1.38
C VAL C 145 -9.24 -24.13 -0.36
N GLN C 146 -9.08 -23.72 0.90
CA GLN C 146 -8.64 -24.62 1.96
C GLN C 146 -9.67 -25.73 2.24
N LYS C 147 -10.94 -25.43 1.98
CA LYS C 147 -12.00 -26.44 2.02
C LYS C 147 -11.79 -27.46 0.90
N LEU C 148 -11.62 -26.95 -0.32
CA LEU C 148 -11.37 -27.77 -1.50
C LEU C 148 -10.09 -28.61 -1.32
N ALA C 149 -9.12 -28.04 -0.62
CA ALA C 149 -7.87 -28.72 -0.33
C ALA C 149 -8.12 -30.02 0.43
N LYS C 150 -8.91 -29.92 1.50
CA LYS C 150 -9.30 -31.08 2.31
C LYS C 150 -10.15 -32.05 1.48
N ALA C 151 -11.02 -31.48 0.65
CA ALA C 151 -11.91 -32.26 -0.23
C ALA C 151 -11.14 -33.10 -1.25
N GLU C 152 -9.93 -32.67 -1.61
CA GLU C 152 -9.10 -33.39 -2.59
C GLU C 152 -7.89 -34.05 -1.94
N GLY C 153 -7.82 -34.00 -0.61
CA GLY C 153 -6.69 -34.53 0.15
C GLY C 153 -5.40 -33.86 -0.26
N VAL C 154 -5.36 -32.53 -0.15
CA VAL C 154 -4.17 -31.74 -0.43
C VAL C 154 -3.74 -31.05 0.85
N ARG C 155 -2.52 -31.37 1.29
CA ARG C 155 -1.94 -30.82 2.50
C ARG C 155 -1.77 -29.30 2.33
N VAL C 156 -2.18 -28.53 3.34
CA VAL C 156 -2.06 -27.07 3.28
C VAL C 156 -1.39 -26.51 4.53
N GLU C 157 -0.32 -25.75 4.32
CA GLU C 157 0.43 -25.15 5.41
C GLU C 157 0.67 -23.66 5.16
N THR C 158 -0.06 -22.83 5.91
CA THR C 158 0.02 -21.37 5.77
C THR C 158 1.12 -20.79 6.66
N HIS C 159 1.57 -19.58 6.35
CA HIS C 159 2.58 -18.88 7.14
C HIS C 159 2.25 -17.40 7.30
N CYS C 160 2.61 -16.83 8.46
CA CYS C 160 2.40 -15.40 8.71
C CYS C 160 3.73 -14.63 8.62
N SER C 161 3.99 -14.08 7.44
CA SER C 161 5.26 -13.39 7.17
C SER C 161 5.09 -12.04 6.49
N HIS C 162 3.84 -11.66 6.24
CA HIS C 162 3.54 -10.33 5.69
C HIS C 162 3.81 -9.27 6.75
N THR C 163 3.23 -9.47 7.93
CA THR C 163 3.49 -8.61 9.08
C THR C 163 4.49 -9.27 10.02
N ILE C 164 5.14 -8.45 10.84
CA ILE C 164 6.10 -8.91 11.85
C ILE C 164 5.39 -9.76 12.91
N TYR C 165 4.30 -9.21 13.44
CA TYR C 165 3.48 -9.92 14.43
C TYR C 165 2.20 -10.43 13.78
N ASN C 166 1.79 -11.64 14.15
CA ASN C 166 0.51 -12.18 13.72
C ASN C 166 -0.62 -11.50 14.49
N PRO C 167 -1.49 -10.76 13.76
CA PRO C 167 -2.57 -9.98 14.37
C PRO C 167 -3.44 -10.79 15.33
N GLU C 168 -3.83 -12.01 14.92
CA GLU C 168 -4.70 -12.85 15.75
C GLU C 168 -4.12 -13.16 17.14
N LEU C 169 -2.80 -13.27 17.22
CA LEU C 169 -2.13 -13.45 18.50
C LEU C 169 -2.19 -12.16 19.32
N VAL C 170 -2.02 -11.02 18.65
CA VAL C 170 -2.05 -9.71 19.30
C VAL C 170 -3.42 -9.42 19.92
N ILE C 171 -4.47 -9.65 19.14
CA ILE C 171 -5.85 -9.51 19.61
C ILE C 171 -6.10 -10.46 20.78
N ALA C 172 -5.69 -11.73 20.62
CA ALA C 172 -5.83 -12.74 21.68
C ALA C 172 -5.12 -12.33 22.96
N LYS C 173 -3.83 -12.00 22.85
CA LYS C 173 -3.00 -11.59 24.00
C LYS C 173 -3.54 -10.34 24.67
N ASN C 174 -4.34 -9.57 23.94
CA ASN C 174 -5.06 -8.44 24.52
C ASN C 174 -6.52 -8.81 24.77
N LEU C 175 -6.72 -10.02 25.29
CA LEU C 175 -8.02 -10.51 25.77
C LEU C 175 -9.15 -10.40 24.74
N GLY C 176 -8.87 -10.84 23.52
CA GLY C 176 -9.86 -10.90 22.45
C GLY C 176 -10.36 -9.56 21.93
N LYS C 177 -9.55 -8.52 22.07
CA LYS C 177 -9.89 -7.18 21.59
C LYS C 177 -8.66 -6.47 21.03
N ALA C 178 -8.74 -6.09 19.76
CA ALA C 178 -7.65 -5.37 19.08
C ALA C 178 -7.46 -3.98 19.68
N PRO C 179 -6.22 -3.65 20.09
CA PRO C 179 -5.91 -2.37 20.74
C PRO C 179 -6.26 -1.19 19.83
N ILE C 180 -6.93 -0.19 20.38
CA ILE C 180 -7.33 0.98 19.60
C ILE C 180 -6.37 2.18 19.74
N THR C 181 -5.39 2.05 20.62
CA THR C 181 -4.34 3.06 20.77
C THR C 181 -2.95 2.48 20.52
N TYR C 182 -2.00 3.34 20.22
CA TYR C 182 -0.66 2.95 19.80
C TYR C 182 0.21 2.44 20.95
N GLN C 183 0.18 3.15 22.07
CA GLN C 183 1.01 2.82 23.24
C GLN C 183 0.58 1.50 23.88
N LYS C 184 -0.72 1.23 23.85
CA LYS C 184 -1.25 -0.04 24.30
C LYS C 184 -0.74 -1.16 23.39
N PHE C 185 -0.79 -0.91 22.08
CA PHE C 185 -0.33 -1.87 21.07
C PHE C 185 1.15 -2.20 21.22
N LEU C 186 1.98 -1.17 21.41
CA LEU C 186 3.41 -1.35 21.64
C LEU C 186 3.67 -2.26 22.84
N GLY C 187 2.91 -2.04 23.91
CA GLY C 187 3.00 -2.83 25.13
C GLY C 187 2.62 -4.28 24.93
N ILE C 188 1.62 -4.52 24.08
CA ILE C 188 1.17 -5.89 23.79
C ILE C 188 2.20 -6.66 22.96
N VAL C 189 2.73 -6.03 21.92
CA VAL C 189 3.63 -6.71 20.97
C VAL C 189 5.05 -6.95 21.46
N GLU C 190 5.55 -6.07 22.33
CA GLU C 190 6.91 -6.20 22.81
C GLU C 190 7.10 -7.32 23.84
N GLN C 191 6.03 -8.06 24.10
CA GLN C 191 6.13 -9.29 24.91
C GLN C 191 5.82 -10.54 24.08
N LEU C 192 5.94 -10.41 22.75
CA LEU C 192 5.77 -11.52 21.82
C LEU C 192 7.05 -11.74 21.05
N LYS C 193 7.36 -13.02 20.79
CA LYS C 193 8.59 -13.39 20.07
C LYS C 193 8.50 -13.05 18.59
N VAL C 194 9.58 -12.47 18.06
CA VAL C 194 9.69 -12.18 16.62
C VAL C 194 10.37 -13.35 15.93
N PRO C 195 9.66 -14.02 14.98
CA PRO C 195 10.19 -15.20 14.29
C PRO C 195 11.51 -14.95 13.56
N LYS C 196 12.23 -16.03 13.26
CA LYS C 196 13.49 -15.94 12.53
C LYS C 196 13.29 -15.36 11.13
N VAL C 197 14.23 -14.54 10.68
CA VAL C 197 14.21 -14.03 9.32
C VAL C 197 15.05 -14.97 8.46
N LEU C 198 14.43 -15.50 7.41
CA LEU C 198 15.06 -16.51 6.57
C LEU C 198 15.76 -15.87 5.36
N GLY C 199 16.67 -16.64 4.76
CA GLY C 199 17.36 -16.21 3.55
C GLY C 199 16.61 -16.63 2.30
N VAL C 200 17.37 -17.00 1.28
CA VAL C 200 16.83 -17.44 0.00
C VAL C 200 16.72 -18.97 0.02
N PRO C 201 15.65 -19.54 -0.58
CA PRO C 201 15.48 -21.00 -0.67
C PRO C 201 16.65 -21.72 -1.34
N GLU C 202 16.68 -23.04 -1.21
CA GLU C 202 17.71 -23.89 -1.81
C GLU C 202 17.57 -23.95 -3.34
N LYS C 203 18.71 -24.04 -4.02
CA LYS C 203 18.74 -24.33 -5.45
C LYS C 203 18.18 -25.74 -5.64
N LEU C 204 17.11 -25.87 -6.42
CA LEU C 204 16.43 -27.17 -6.58
C LEU C 204 17.34 -28.24 -7.20
N LYS C 205 17.64 -29.26 -6.41
CA LYS C 205 18.52 -30.35 -6.82
C LYS C 205 17.74 -31.38 -7.62
N ASN C 206 18.26 -31.73 -8.80
CA ASN C 206 17.66 -32.74 -9.68
C ASN C 206 16.17 -32.51 -9.94
N MET C 207 15.89 -31.47 -10.72
CA MET C 207 14.52 -31.05 -10.99
C MET C 207 14.33 -30.75 -12.47
N PRO C 208 13.80 -31.72 -13.23
CA PRO C 208 13.38 -31.44 -14.60
C PRO C 208 12.15 -30.53 -14.61
N THR C 209 11.88 -29.90 -15.74
CA THR C 209 10.68 -29.09 -15.88
C THR C 209 9.45 -29.99 -15.79
N PRO C 210 8.45 -29.59 -14.98
CA PRO C 210 7.22 -30.37 -14.87
C PRO C 210 6.61 -30.63 -16.24
N PRO C 211 6.13 -31.86 -16.49
CA PRO C 211 5.56 -32.18 -17.79
C PRO C 211 4.39 -31.25 -18.10
N LYS C 212 4.26 -30.87 -19.36
CA LYS C 212 3.24 -29.91 -19.79
C LYS C 212 1.83 -30.42 -19.52
N ASP C 213 1.06 -29.65 -18.77
CA ASP C 213 -0.34 -29.98 -18.52
C ASP C 213 -1.20 -29.72 -19.76
N GLU C 214 -2.51 -29.86 -19.61
CA GLU C 214 -3.45 -29.75 -20.73
C GLU C 214 -3.46 -28.35 -21.37
N VAL C 215 -3.20 -27.32 -20.55
CA VAL C 215 -3.15 -25.94 -21.03
C VAL C 215 -1.83 -25.66 -21.76
N GLU C 216 -0.73 -26.19 -21.22
CA GLU C 216 0.60 -25.97 -21.77
C GLU C 216 0.83 -26.74 -23.07
N GLN C 217 0.13 -27.86 -23.23
CA GLN C 217 0.21 -28.64 -24.48
C GLN C 217 -0.32 -27.84 -25.67
N LYS C 218 -1.40 -27.10 -25.45
CA LYS C 218 -2.03 -26.31 -26.50
C LYS C 218 -1.35 -24.97 -26.74
N ASP C 219 -0.68 -24.44 -25.72
CA ASP C 219 0.21 -23.28 -25.86
C ASP C 219 1.28 -23.30 -24.78
N SER C 220 2.53 -23.53 -25.21
CA SER C 220 3.65 -23.70 -24.28
C SER C 220 3.94 -22.47 -23.41
N ALA C 221 3.61 -21.28 -23.94
CA ALA C 221 3.88 -20.02 -23.24
C ALA C 221 2.70 -19.54 -22.41
N ALA C 222 1.85 -20.47 -21.99
CA ALA C 222 0.59 -20.16 -21.31
C ALA C 222 0.75 -19.56 -19.92
N TYR C 223 1.83 -19.91 -19.23
CA TYR C 223 2.04 -19.47 -17.86
C TYR C 223 3.18 -18.46 -17.70
N ASP C 224 3.63 -17.91 -18.82
CA ASP C 224 4.70 -16.91 -18.84
C ASP C 224 4.27 -15.60 -18.22
N CYS C 225 5.24 -14.76 -17.86
CA CYS C 225 4.98 -13.41 -17.36
C CYS C 225 4.24 -12.58 -18.39
N PRO C 226 3.11 -11.98 -17.99
CA PRO C 226 2.44 -11.02 -18.86
C PRO C 226 3.38 -9.87 -19.21
N THR C 227 3.51 -9.58 -20.50
CA THR C 227 4.28 -8.43 -20.95
C THR C 227 3.50 -7.15 -20.68
N MET C 228 4.18 -6.01 -20.78
CA MET C 228 3.55 -4.71 -20.58
C MET C 228 2.21 -4.60 -21.31
N LYS C 229 2.21 -4.91 -22.61
CA LYS C 229 0.99 -4.89 -23.43
C LYS C 229 -0.17 -5.64 -22.78
N GLN C 230 0.15 -6.74 -22.12
CA GLN C 230 -0.87 -7.62 -21.54
C GLN C 230 -1.45 -7.05 -20.26
N LEU C 231 -0.60 -6.64 -19.32
CA LEU C 231 -1.09 -6.09 -18.06
C LEU C 231 -1.60 -4.66 -18.18
N VAL C 232 -0.90 -3.84 -18.94
CA VAL C 232 -1.23 -2.43 -19.06
C VAL C 232 -2.09 -2.16 -20.31
N LYS C 233 -3.40 -2.11 -20.10
CA LYS C 233 -4.35 -1.88 -21.19
C LYS C 233 -4.58 -0.40 -21.48
N ARG C 234 -4.12 0.46 -20.58
CA ARG C 234 -4.27 1.91 -20.76
C ARG C 234 -2.97 2.68 -20.47
N PRO C 235 -1.97 2.54 -21.38
CA PRO C 235 -0.61 3.04 -21.13
C PRO C 235 -0.48 4.57 -21.11
N GLU C 236 -1.54 5.27 -21.48
CA GLU C 236 -1.54 6.74 -21.47
C GLU C 236 -1.68 7.29 -20.04
N GLU C 237 -2.09 6.43 -19.12
CA GLU C 237 -2.12 6.76 -17.69
C GLU C 237 -0.74 6.62 -17.03
N LEU C 238 0.18 5.95 -17.71
CA LEU C 238 1.52 5.67 -17.19
C LEU C 238 2.40 6.91 -17.14
N GLY C 239 2.86 7.25 -15.93
CA GLY C 239 3.79 8.35 -15.75
C GLY C 239 5.22 7.85 -15.73
N PRO C 240 6.16 8.66 -15.19
CA PRO C 240 7.57 8.27 -15.15
C PRO C 240 7.78 7.07 -14.23
N ASN C 241 8.64 6.14 -14.65
CA ASN C 241 8.88 4.92 -13.88
C ASN C 241 9.88 5.15 -12.75
N LYS C 242 9.48 5.96 -11.77
CA LYS C 242 10.37 6.36 -10.68
C LYS C 242 10.65 5.23 -9.69
N PHE C 243 9.71 4.31 -9.56
CA PHE C 243 9.84 3.20 -8.61
C PHE C 243 9.58 1.86 -9.28
N PRO C 244 10.62 1.23 -9.83
CA PRO C 244 10.53 -0.11 -10.42
C PRO C 244 10.11 -1.17 -9.41
N GLY C 245 9.26 -2.10 -9.85
CA GLY C 245 8.78 -3.18 -9.00
C GLY C 245 9.78 -4.31 -8.86
N GLY C 246 9.53 -5.20 -7.90
CA GLY C 246 10.38 -6.37 -7.71
C GLY C 246 11.17 -6.39 -6.43
N GLU C 247 11.57 -7.59 -6.03
CA GLU C 247 12.36 -7.85 -4.83
C GLU C 247 13.75 -7.21 -4.92
N THR C 248 14.35 -7.27 -6.11
CA THR C 248 15.71 -6.79 -6.33
C THR C 248 15.84 -5.30 -6.05
N GLU C 249 14.90 -4.52 -6.56
CA GLU C 249 14.87 -3.07 -6.34
C GLU C 249 14.47 -2.75 -4.90
N ALA C 250 13.62 -3.58 -4.32
CA ALA C 250 13.24 -3.46 -2.91
C ALA C 250 14.46 -3.54 -2.01
N LEU C 251 15.29 -4.55 -2.25
CA LEU C 251 16.53 -4.74 -1.51
C LEU C 251 17.55 -3.63 -1.81
N ARG C 252 17.64 -3.24 -3.08
CA ARG C 252 18.52 -2.16 -3.51
C ARG C 252 18.16 -0.83 -2.83
N ARG C 253 16.87 -0.51 -2.80
CA ARG C 253 16.38 0.74 -2.23
C ARG C 253 16.53 0.74 -0.72
N MET C 254 16.34 -0.41 -0.10
CA MET C 254 16.49 -0.53 1.35
C MET C 254 17.92 -0.23 1.75
N GLU C 255 18.87 -0.99 1.21
CA GLU C 255 20.29 -0.80 1.50
C GLU C 255 20.71 0.64 1.26
N GLU C 256 20.20 1.22 0.18
CA GLU C 256 20.41 2.62 -0.16
C GLU C 256 20.05 3.53 1.01
N SER C 257 18.89 3.28 1.60
CA SER C 257 18.38 4.07 2.72
C SER C 257 19.20 3.83 4.00
N LEU C 258 19.50 2.57 4.27
CA LEU C 258 20.22 2.17 5.48
C LEU C 258 21.72 2.52 5.46
N LYS C 259 22.20 3.06 4.34
CA LYS C 259 23.60 3.47 4.20
C LYS C 259 23.96 4.60 5.16
N ASP C 260 23.12 5.64 5.20
CA ASP C 260 23.31 6.74 6.14
C ASP C 260 22.70 6.36 7.49
N GLU C 261 23.44 5.59 8.28
CA GLU C 261 22.95 5.08 9.55
C GLU C 261 22.61 6.18 10.56
N ILE C 262 23.20 7.37 10.36
CA ILE C 262 22.86 8.53 11.18
C ILE C 262 21.44 8.98 10.84
N TRP C 263 21.15 9.12 9.55
CA TRP C 263 19.83 9.53 9.06
C TRP C 263 18.77 8.55 9.53
N VAL C 264 19.05 7.26 9.38
CA VAL C 264 18.17 6.19 9.84
C VAL C 264 17.86 6.35 11.33
N ALA C 265 18.91 6.51 12.13
CA ALA C 265 18.79 6.53 13.59
C ALA C 265 17.94 7.68 14.12
N ARG C 266 18.12 8.87 13.54
CA ARG C 266 17.50 10.08 14.07
C ARG C 266 16.22 10.47 13.34
N PHE C 267 15.83 9.66 12.36
CA PHE C 267 14.58 9.80 11.61
C PHE C 267 13.40 10.11 12.54
N GLU C 268 12.71 11.20 12.24
CA GLU C 268 11.47 11.56 12.92
C GLU C 268 10.44 11.94 11.87
N LYS C 269 9.36 11.15 11.80
CA LYS C 269 8.36 11.29 10.74
C LYS C 269 7.87 12.72 10.48
N PRO C 270 7.51 13.49 11.53
CA PRO C 270 7.03 14.85 11.31
C PRO C 270 8.07 15.81 10.72
N ASN C 271 9.36 15.51 10.92
CA ASN C 271 10.43 16.38 10.42
C ASN C 271 10.70 16.24 8.92
N THR C 272 10.17 15.18 8.33
CA THR C 272 10.33 14.91 6.90
C THR C 272 9.39 15.79 6.07
N ALA C 273 9.93 16.42 5.03
CA ALA C 273 9.17 17.36 4.21
C ALA C 273 8.16 16.64 3.32
N PRO C 274 6.92 17.15 3.26
CA PRO C 274 5.92 16.58 2.36
C PRO C 274 6.11 16.97 0.90
N ASN C 275 6.76 18.11 0.68
CA ASN C 275 6.84 18.70 -0.65
C ASN C 275 8.26 18.84 -1.19
N SER C 276 9.19 18.03 -0.68
CA SER C 276 10.53 17.97 -1.24
C SER C 276 10.42 17.29 -2.60
N LEU C 277 11.20 17.74 -3.58
CA LEU C 277 11.12 17.22 -4.94
C LEU C 277 11.49 15.74 -5.02
N GLU C 278 12.60 15.38 -4.38
CA GLU C 278 12.94 13.96 -4.19
C GLU C 278 12.48 13.53 -2.79
N PRO C 279 12.01 12.27 -2.66
CA PRO C 279 11.41 11.78 -1.42
C PRO C 279 12.25 11.99 -0.16
N SER C 280 11.60 12.55 0.88
CA SER C 280 12.25 12.78 2.17
C SER C 280 12.28 11.52 3.03
N THR C 281 11.45 10.54 2.68
CA THR C 281 11.40 9.26 3.38
C THR C 281 11.92 8.12 2.49
N THR C 282 11.86 6.90 3.01
CA THR C 282 12.45 5.72 2.35
C THR C 282 11.80 5.34 1.01
N VAL C 283 10.47 5.44 0.95
CA VAL C 283 9.65 5.00 -0.19
C VAL C 283 9.81 3.50 -0.44
N LEU C 284 9.61 2.72 0.62
CA LEU C 284 9.62 1.27 0.54
C LEU C 284 8.21 0.71 0.68
N SER C 285 7.22 1.60 0.78
CA SER C 285 5.83 1.20 0.98
C SER C 285 5.22 0.35 -0.13
N PRO C 286 5.56 0.63 -1.42
CA PRO C 286 5.02 -0.26 -2.46
C PRO C 286 5.63 -1.65 -2.40
N TYR C 287 6.89 -1.72 -1.99
CA TYR C 287 7.62 -2.97 -1.89
C TYR C 287 7.16 -3.76 -0.67
N LEU C 288 6.82 -3.05 0.40
CA LEU C 288 6.26 -3.67 1.59
C LEU C 288 4.82 -4.10 1.35
N LYS C 289 4.11 -3.37 0.50
CA LYS C 289 2.72 -3.67 0.14
C LYS C 289 2.60 -4.99 -0.62
N PHE C 290 3.40 -5.13 -1.67
CA PHE C 290 3.39 -6.34 -2.49
C PHE C 290 4.17 -7.47 -1.83
N GLY C 291 4.99 -7.12 -0.85
CA GLY C 291 5.80 -8.10 -0.15
C GLY C 291 7.05 -8.44 -0.93
N CYS C 292 7.59 -7.43 -1.61
CA CYS C 292 8.88 -7.55 -2.28
C CYS C 292 9.97 -7.32 -1.24
N LEU C 293 9.58 -6.70 -0.13
CA LEU C 293 10.46 -6.50 1.01
C LEU C 293 9.82 -7.10 2.26
N SER C 294 10.58 -7.93 2.95
CA SER C 294 10.13 -8.53 4.20
C SER C 294 10.18 -7.48 5.29
N ALA C 295 9.01 -7.17 5.86
CA ALA C 295 8.91 -6.22 6.97
C ALA C 295 9.72 -6.70 8.17
N ARG C 296 9.86 -8.01 8.29
CA ARG C 296 10.67 -8.64 9.33
C ARG C 296 12.15 -8.30 9.13
N LEU C 297 12.60 -8.38 7.88
CA LEU C 297 14.00 -8.10 7.53
C LEU C 297 14.35 -6.62 7.70
N PHE C 298 13.44 -5.75 7.26
CA PHE C 298 13.58 -4.31 7.42
C PHE C 298 13.68 -3.96 8.91
N ASN C 299 12.79 -4.57 9.71
CA ASN C 299 12.84 -4.46 11.17
C ASN C 299 14.19 -4.90 11.73
N GLN C 300 14.62 -6.10 11.34
CA GLN C 300 15.89 -6.69 11.80
C GLN C 300 17.07 -5.81 11.41
N LYS C 301 17.08 -5.31 10.18
CA LYS C 301 18.13 -4.44 9.69
C LYS C 301 18.20 -3.12 10.46
N LEU C 302 17.03 -2.61 10.84
CA LEU C 302 16.93 -1.36 11.61
C LEU C 302 17.41 -1.54 13.05
N LYS C 303 16.97 -2.62 13.69
CA LYS C 303 17.34 -2.92 15.07
C LYS C 303 18.85 -2.88 15.28
N GLU C 304 19.60 -3.54 14.40
CA GLU C 304 21.06 -3.60 14.51
C GLU C 304 21.72 -2.24 14.26
N ILE C 305 21.05 -1.36 13.53
CA ILE C 305 21.54 0.01 13.33
C ILE C 305 21.33 0.82 14.61
N ILE C 306 20.15 0.70 15.21
CA ILE C 306 19.83 1.33 16.50
C ILE C 306 20.90 1.04 17.55
N LYS C 307 21.27 -0.23 17.69
CA LYS C 307 22.31 -0.69 18.63
C LYS C 307 23.67 -0.06 18.33
N ARG C 308 23.91 0.29 17.07
CA ARG C 308 25.18 0.89 16.67
C ARG C 308 25.18 2.41 16.80
N GLN C 309 24.00 3.01 16.73
CA GLN C 309 23.88 4.47 16.86
C GLN C 309 23.28 4.85 18.21
N PRO C 310 24.13 5.40 19.11
CA PRO C 310 23.74 5.72 20.49
C PRO C 310 22.64 6.78 20.59
N LYS C 311 22.74 7.83 19.78
CA LYS C 311 21.69 8.85 19.72
C LYS C 311 20.66 8.47 18.67
N HIS C 312 19.50 7.98 19.12
CA HIS C 312 18.48 7.45 18.20
C HIS C 312 17.04 7.69 18.66
N SER C 313 16.17 7.98 17.70
CA SER C 313 14.77 8.30 17.95
C SER C 313 13.94 7.11 18.44
N GLN C 314 12.81 7.42 19.07
CA GLN C 314 11.93 6.43 19.68
C GLN C 314 10.57 6.47 18.99
N PRO C 315 9.79 5.37 19.03
CA PRO C 315 8.41 5.37 18.54
C PRO C 315 7.55 6.42 19.27
N PRO C 316 6.52 6.97 18.61
CA PRO C 316 5.97 6.67 17.29
C PRO C 316 6.71 7.28 16.10
N VAL C 317 7.54 8.29 16.34
CA VAL C 317 8.17 9.06 15.26
C VAL C 317 9.32 8.34 14.55
N SER C 318 9.87 7.31 15.18
CA SER C 318 11.04 6.58 14.65
C SER C 318 10.71 5.78 13.39
N LEU C 319 11.75 5.39 12.65
CA LEU C 319 11.59 4.59 11.43
C LEU C 319 11.04 3.20 11.76
N ILE C 320 11.50 2.64 12.88
CA ILE C 320 10.93 1.38 13.40
C ILE C 320 9.49 1.61 13.84
N GLY C 321 9.21 2.80 14.37
CA GLY C 321 7.85 3.18 14.75
C GLY C 321 6.89 3.16 13.58
N GLN C 322 7.37 3.59 12.41
CA GLN C 322 6.57 3.57 11.18
C GLN C 322 6.18 2.15 10.80
N LEU C 323 7.12 1.22 10.93
CA LEU C 323 6.84 -0.21 10.72
C LEU C 323 5.80 -0.71 11.70
N MET C 324 5.86 -0.21 12.94
CA MET C 324 4.92 -0.58 13.99
C MET C 324 3.51 -0.06 13.71
N TRP C 325 3.43 1.13 13.09
CA TRP C 325 2.15 1.70 12.68
C TRP C 325 1.45 0.82 11.64
N ARG C 326 2.23 0.30 10.71
CA ARG C 326 1.77 -0.71 9.75
C ARG C 326 1.19 -1.92 10.50
N GLU C 327 1.94 -2.39 11.50
CA GLU C 327 1.51 -3.53 12.33
C GLU C 327 0.25 -3.19 13.12
N PHE C 328 0.15 -1.94 13.56
CA PHE C 328 -1.00 -1.47 14.33
C PHE C 328 -2.28 -1.46 13.51
N TYR C 329 -2.21 -0.84 12.32
CA TYR C 329 -3.37 -0.74 11.45
C TYR C 329 -3.84 -2.11 10.95
N TYR C 330 -2.87 -3.00 10.71
CA TYR C 330 -3.19 -4.36 10.29
C TYR C 330 -3.99 -5.14 11.36
N THR C 331 -3.49 -5.09 12.59
CA THR C 331 -4.12 -5.78 13.72
C THR C 331 -5.59 -5.39 13.90
N VAL C 332 -5.86 -4.09 13.96
CA VAL C 332 -7.24 -3.60 14.12
C VAL C 332 -8.14 -3.98 12.94
N ALA C 333 -7.56 -4.03 11.74
CA ALA C 333 -8.29 -4.35 10.52
C ALA C 333 -8.70 -5.83 10.46
N ALA C 334 -7.90 -6.69 11.09
CA ALA C 334 -8.21 -8.12 11.16
C ALA C 334 -9.53 -8.37 11.91
N ALA C 335 -9.77 -7.57 12.95
CA ALA C 335 -10.96 -7.71 13.80
C ALA C 335 -12.26 -7.24 13.16
N GLU C 336 -12.17 -6.25 12.26
CA GLU C 336 -13.35 -5.68 11.61
C GLU C 336 -13.30 -5.83 10.09
N PRO C 337 -14.22 -6.63 9.51
CA PRO C 337 -14.28 -6.79 8.07
C PRO C 337 -14.88 -5.58 7.35
N ASN C 338 -15.57 -4.72 8.09
CA ASN C 338 -16.11 -3.47 7.54
C ASN C 338 -15.16 -2.29 7.79
N PHE C 339 -13.86 -2.56 7.76
CA PHE C 339 -12.84 -1.56 8.05
C PHE C 339 -12.79 -0.45 7.01
N ASP C 340 -13.10 -0.78 5.76
CA ASP C 340 -13.08 0.20 4.67
C ASP C 340 -14.32 1.09 4.57
N ARG C 341 -15.31 0.85 5.43
CA ARG C 341 -16.57 1.61 5.41
C ARG C 341 -16.90 2.24 6.77
N MET C 342 -17.64 3.35 6.72
CA MET C 342 -18.14 4.02 7.93
C MET C 342 -19.28 3.21 8.54
N LEU C 343 -20.26 2.88 7.71
CA LEU C 343 -21.44 2.11 8.12
C LEU C 343 -21.03 0.68 8.45
N GLY C 344 -21.38 0.24 9.66
CA GLY C 344 -21.08 -1.12 10.13
C GLY C 344 -19.67 -1.28 10.70
N ASN C 345 -19.05 -0.17 11.07
CA ASN C 345 -17.67 -0.20 11.57
C ASN C 345 -17.58 0.06 13.08
N VAL C 346 -16.96 -0.90 13.77
CA VAL C 346 -16.85 -0.87 15.24
C VAL C 346 -15.97 0.29 15.74
N TYR C 347 -15.09 0.79 14.87
CA TYR C 347 -14.18 1.88 15.21
C TYR C 347 -14.69 3.24 14.76
N CYS C 348 -15.33 3.27 13.59
CA CYS C 348 -15.59 4.51 12.86
C CYS C 348 -16.72 5.36 13.43
N MET C 349 -16.37 6.58 13.80
CA MET C 349 -17.34 7.60 14.23
C MET C 349 -18.31 7.87 13.09
N GLN C 350 -19.61 7.88 13.40
CA GLN C 350 -20.62 8.18 12.40
C GLN C 350 -20.72 9.68 12.15
N ILE C 351 -20.39 10.08 10.92
CA ILE C 351 -20.35 11.49 10.54
C ILE C 351 -21.17 11.72 9.26
N PRO C 352 -22.16 12.63 9.32
CA PRO C 352 -23.02 12.92 8.17
C PRO C 352 -22.29 13.61 7.02
N TRP C 353 -21.52 12.84 6.26
CA TRP C 353 -20.81 13.36 5.09
C TRP C 353 -21.80 13.70 3.98
N GLN C 354 -21.47 14.70 3.17
CA GLN C 354 -22.35 15.15 2.11
C GLN C 354 -21.80 14.86 0.72
N GLU C 355 -22.70 14.47 -0.19
CA GLU C 355 -22.36 14.22 -1.59
C GLU C 355 -22.07 15.52 -2.32
N HIS C 356 -20.98 15.55 -3.07
CA HIS C 356 -20.70 16.69 -3.94
C HIS C 356 -19.89 16.25 -5.17
N PRO C 357 -20.59 15.71 -6.19
CA PRO C 357 -19.94 15.15 -7.39
C PRO C 357 -18.99 16.14 -8.09
N ASP C 358 -19.34 17.42 -8.06
CA ASP C 358 -18.50 18.47 -8.64
C ASP C 358 -17.18 18.62 -7.89
N HIS C 359 -17.27 18.86 -6.57
CA HIS C 359 -16.09 19.06 -5.75
C HIS C 359 -15.23 17.82 -5.60
N LEU C 360 -15.83 16.64 -5.82
CA LEU C 360 -15.08 15.40 -5.84
C LEU C 360 -14.25 15.29 -7.13
N GLU C 361 -14.88 15.63 -8.25
CA GLU C 361 -14.23 15.61 -9.57
C GLU C 361 -13.00 16.52 -9.61
N ALA C 362 -13.13 17.70 -9.01
CA ALA C 362 -12.05 18.68 -8.96
C ALA C 362 -10.86 18.17 -8.14
N TRP C 363 -11.16 17.63 -6.96
CA TRP C 363 -10.16 17.09 -6.03
C TRP C 363 -9.42 15.92 -6.66
N THR C 364 -10.16 15.06 -7.35
CA THR C 364 -9.62 13.85 -7.97
C THR C 364 -8.58 14.17 -9.06
N HIS C 365 -8.74 15.32 -9.72
CA HIS C 365 -7.88 15.66 -10.85
C HIS C 365 -6.97 16.85 -10.61
N GLY C 366 -6.97 17.35 -9.37
CA GLY C 366 -6.13 18.48 -8.99
C GLY C 366 -6.57 19.77 -9.66
N ARG C 367 -7.86 20.08 -9.52
CA ARG C 367 -8.44 21.30 -10.05
C ARG C 367 -9.26 22.02 -8.98
N THR C 368 -8.78 21.96 -7.74
CA THR C 368 -9.44 22.59 -6.61
C THR C 368 -9.28 24.10 -6.61
N GLY C 369 -8.16 24.57 -7.14
CA GLY C 369 -7.84 25.99 -7.15
C GLY C 369 -6.83 26.32 -6.06
N TYR C 370 -6.61 25.37 -5.15
CA TYR C 370 -5.55 25.47 -4.15
C TYR C 370 -4.32 24.75 -4.70
N PRO C 371 -3.30 25.52 -5.14
CA PRO C 371 -2.12 24.97 -5.81
C PRO C 371 -1.44 23.83 -5.06
N PHE C 372 -1.25 24.00 -3.76
CA PHE C 372 -0.60 22.97 -2.93
C PHE C 372 -1.37 21.66 -2.96
N ILE C 373 -2.68 21.74 -2.80
CA ILE C 373 -3.56 20.57 -2.88
C ILE C 373 -3.48 19.94 -4.26
N ASP C 374 -3.47 20.79 -5.29
CA ASP C 374 -3.46 20.33 -6.68
C ASP C 374 -2.14 19.65 -7.06
N ALA C 375 -1.03 20.24 -6.63
CA ALA C 375 0.30 19.71 -6.93
C ALA C 375 0.48 18.30 -6.39
N ILE C 376 -0.09 18.05 -5.21
CA ILE C 376 0.00 16.74 -4.58
C ILE C 376 -0.84 15.73 -5.33
N MET C 377 -2.08 16.10 -5.63
CA MET C 377 -3.00 15.21 -6.35
C MET C 377 -2.48 14.85 -7.74
N ARG C 378 -1.81 15.79 -8.38
CA ARG C 378 -1.25 15.56 -9.70
C ARG C 378 -0.03 14.63 -9.65
N GLN C 379 0.78 14.76 -8.60
CA GLN C 379 1.93 13.86 -8.41
C GLN C 379 1.46 12.45 -8.12
N LEU C 380 0.35 12.32 -7.38
CA LEU C 380 -0.24 11.03 -7.08
C LEU C 380 -0.68 10.30 -8.35
N ARG C 381 -1.40 11.00 -9.23
CA ARG C 381 -1.89 10.43 -10.49
C ARG C 381 -0.75 10.09 -11.44
N GLN C 382 0.26 10.96 -11.50
CA GLN C 382 1.39 10.79 -12.41
C GLN C 382 2.38 9.71 -11.96
N GLU C 383 2.79 9.77 -10.69
CA GLU C 383 3.89 8.93 -10.20
C GLU C 383 3.48 7.77 -9.29
N GLY C 384 2.32 7.89 -8.66
CA GLY C 384 1.77 6.79 -7.87
C GLY C 384 2.22 6.75 -6.43
N TRP C 385 2.99 7.76 -6.02
CA TRP C 385 3.42 7.91 -4.63
C TRP C 385 3.42 9.38 -4.23
N ILE C 386 2.88 9.65 -3.05
CA ILE C 386 2.99 10.95 -2.41
C ILE C 386 3.39 10.78 -0.96
N HIS C 387 4.11 11.76 -0.43
CA HIS C 387 4.57 11.76 0.96
C HIS C 387 3.41 11.65 1.94
N HIS C 388 3.67 11.04 3.10
CA HIS C 388 2.64 10.83 4.11
C HIS C 388 1.96 12.13 4.53
N LEU C 389 2.75 13.17 4.75
CA LEU C 389 2.21 14.47 5.16
C LEU C 389 1.47 15.15 4.02
N ALA C 390 1.86 14.83 2.79
CA ALA C 390 1.15 15.28 1.60
C ALA C 390 -0.18 14.54 1.48
N ARG C 391 -0.16 13.23 1.73
CA ARG C 391 -1.38 12.42 1.78
C ARG C 391 -2.33 12.95 2.85
N MET C 392 -1.75 13.37 3.97
CA MET C 392 -2.50 13.89 5.11
C MET C 392 -3.14 15.23 4.76
N ALA C 393 -2.42 16.07 4.02
CA ALA C 393 -2.89 17.40 3.64
C ALA C 393 -4.10 17.36 2.70
N VAL C 394 -4.06 16.47 1.72
CA VAL C 394 -5.16 16.35 0.76
C VAL C 394 -6.35 15.59 1.31
N ALA C 395 -6.08 14.67 2.24
CA ALA C 395 -7.12 13.87 2.88
C ALA C 395 -7.95 14.70 3.85
N CYS C 396 -7.29 15.65 4.52
CA CYS C 396 -7.97 16.60 5.39
C CYS C 396 -8.89 17.50 4.56
N PHE C 397 -8.31 18.16 3.55
CA PHE C 397 -9.04 19.05 2.66
C PHE C 397 -10.34 18.45 2.11
N LEU C 398 -10.29 17.19 1.70
CA LEU C 398 -11.48 16.51 1.16
C LEU C 398 -12.54 16.26 2.24
N THR C 399 -12.11 15.76 3.40
CA THR C 399 -13.01 15.38 4.48
C THR C 399 -13.37 16.58 5.35
N ARG C 400 -13.05 16.48 6.65
CA ARG C 400 -13.38 17.50 7.64
C ARG C 400 -12.73 18.86 7.38
N GLY C 401 -11.69 18.87 6.56
CA GLY C 401 -10.97 20.09 6.24
C GLY C 401 -11.84 21.12 5.55
N ASP C 402 -12.31 20.80 4.35
CA ASP C 402 -13.00 21.79 3.51
C ASP C 402 -14.24 21.25 2.79
N LEU C 403 -14.06 20.22 1.96
CA LEU C 403 -15.11 19.77 1.04
C LEU C 403 -16.21 18.94 1.69
N TRP C 404 -15.98 18.50 2.91
CA TRP C 404 -16.93 17.70 3.70
C TRP C 404 -17.37 16.39 3.01
N ILE C 405 -16.52 15.90 2.09
CA ILE C 405 -16.78 14.65 1.38
C ILE C 405 -16.23 13.46 2.15
N SER C 406 -16.94 12.34 2.10
CA SER C 406 -16.60 11.14 2.87
C SER C 406 -15.19 10.62 2.58
N TRP C 407 -14.55 10.07 3.62
CA TRP C 407 -13.21 9.49 3.49
C TRP C 407 -13.20 8.22 2.65
N GLU C 408 -14.39 7.66 2.41
CA GLU C 408 -14.56 6.50 1.54
C GLU C 408 -14.33 6.87 0.07
N GLU C 409 -14.64 8.12 -0.26
CA GLU C 409 -14.51 8.62 -1.62
C GLU C 409 -13.05 8.78 -2.01
N GLY C 410 -12.28 9.43 -1.15
CA GLY C 410 -10.84 9.59 -1.37
C GLY C 410 -10.12 8.26 -1.26
N GLN C 411 -10.71 7.34 -0.52
CA GLN C 411 -10.20 5.98 -0.40
C GLN C 411 -10.20 5.24 -1.75
N ARG C 412 -11.18 5.53 -2.61
CA ARG C 412 -11.23 4.99 -3.96
C ARG C 412 -10.11 5.56 -4.83
N VAL C 413 -9.98 6.88 -4.81
CA VAL C 413 -8.96 7.59 -5.57
C VAL C 413 -7.57 7.04 -5.24
N PHE C 414 -7.27 6.95 -3.95
CA PHE C 414 -6.02 6.37 -3.47
C PHE C 414 -5.83 4.92 -3.91
N GLU C 415 -6.89 4.11 -3.81
CA GLU C 415 -6.84 2.70 -4.20
C GLU C 415 -6.46 2.56 -5.67
N GLN C 416 -6.94 3.50 -6.48
CA GLN C 416 -6.67 3.51 -7.91
C GLN C 416 -5.24 3.98 -8.22
N LEU C 417 -4.79 5.01 -7.52
CA LEU C 417 -3.57 5.73 -7.90
C LEU C 417 -2.30 5.36 -7.11
N LEU C 418 -2.45 4.73 -5.95
CA LEU C 418 -1.30 4.36 -5.12
C LEU C 418 -0.65 3.05 -5.54
N LEU C 419 0.68 3.05 -5.64
CA LEU C 419 1.44 1.83 -5.86
C LEU C 419 1.44 0.98 -4.59
N ASP C 420 1.38 1.65 -3.45
CA ASP C 420 1.39 0.99 -2.14
C ASP C 420 0.00 0.77 -1.58
N GLN C 421 -1.02 0.82 -2.44
CA GLN C 421 -2.40 0.60 -2.04
C GLN C 421 -2.52 -0.57 -1.08
N ASP C 422 -2.82 -0.26 0.18
CA ASP C 422 -2.97 -1.28 1.22
C ASP C 422 -4.31 -1.13 1.91
N TRP C 423 -5.18 -2.13 1.73
CA TRP C 423 -6.54 -2.14 2.28
C TRP C 423 -6.61 -1.65 3.72
N ALA C 424 -5.71 -2.15 4.57
CA ALA C 424 -5.71 -1.81 5.99
C ALA C 424 -5.08 -0.46 6.30
N LEU C 425 -4.03 -0.12 5.57
CA LEU C 425 -3.30 1.14 5.80
C LEU C 425 -4.07 2.33 5.23
N ASN C 426 -4.66 2.13 4.06
CA ASN C 426 -5.48 3.15 3.40
C ASN C 426 -6.70 3.50 4.26
N ALA C 427 -7.45 2.48 4.66
CA ALA C 427 -8.65 2.66 5.49
C ALA C 427 -8.32 3.25 6.86
N GLY C 428 -7.23 2.79 7.47
CA GLY C 428 -6.82 3.22 8.81
C GLY C 428 -6.43 4.67 8.90
N ASN C 429 -5.61 5.11 7.94
CA ASN C 429 -5.12 6.48 7.91
C ASN C 429 -6.15 7.51 7.44
N TRP C 430 -7.11 7.07 6.62
CA TRP C 430 -8.24 7.92 6.22
C TRP C 430 -9.18 8.16 7.41
N MET C 431 -9.38 7.12 8.21
CA MET C 431 -10.17 7.23 9.44
C MET C 431 -9.45 8.06 10.48
N TRP C 432 -8.13 7.88 10.57
CA TRP C 432 -7.30 8.70 11.44
C TRP C 432 -7.45 10.18 11.05
N LEU C 433 -7.37 10.45 9.75
CA LEU C 433 -7.38 11.83 9.23
C LEU C 433 -8.68 12.56 9.52
N SER C 434 -9.79 11.96 9.10
CA SER C 434 -11.10 12.55 9.23
C SER C 434 -11.55 12.59 10.68
N ALA C 435 -10.69 12.09 11.57
CA ALA C 435 -10.98 11.94 12.99
C ALA C 435 -12.20 11.04 13.22
N SER C 436 -12.28 9.97 12.43
CA SER C 436 -13.32 8.96 12.55
C SER C 436 -12.92 7.93 13.60
N ALA C 437 -11.64 7.56 13.59
CA ALA C 437 -11.09 6.61 14.55
C ALA C 437 -9.65 6.97 14.91
N PHE C 438 -9.20 6.47 16.06
CA PHE C 438 -7.81 6.58 16.53
C PHE C 438 -7.39 8.01 16.92
N PHE C 439 -7.46 8.93 15.96
CA PHE C 439 -7.20 10.36 16.19
C PHE C 439 -8.50 11.10 16.41
N HIS C 440 -8.51 12.07 17.32
CA HIS C 440 -9.76 12.73 17.71
C HIS C 440 -9.71 14.26 17.83
N GLN C 441 -8.51 14.84 17.86
CA GLN C 441 -8.36 16.29 18.04
C GLN C 441 -8.66 17.08 16.75
N TYR C 442 -9.92 17.06 16.34
CA TYR C 442 -10.36 17.62 15.06
C TYR C 442 -10.17 19.12 14.86
N PHE C 443 -9.89 19.85 15.94
CA PHE C 443 -9.68 21.29 15.85
C PHE C 443 -8.30 21.62 15.24
N ARG C 444 -7.46 20.60 15.10
CA ARG C 444 -6.23 20.69 14.30
C ARG C 444 -6.57 20.44 12.83
N VAL C 445 -6.64 21.52 12.05
CA VAL C 445 -6.97 21.42 10.63
C VAL C 445 -5.82 21.93 9.75
N TYR C 446 -5.42 21.10 8.78
CA TYR C 446 -4.36 21.45 7.85
C TYR C 446 -4.79 22.58 6.91
N SER C 447 -3.98 23.63 6.87
CA SER C 447 -4.19 24.73 5.94
C SER C 447 -3.59 24.35 4.58
N PRO C 448 -4.42 24.36 3.51
CA PRO C 448 -3.95 24.17 2.15
C PRO C 448 -3.01 25.27 1.68
N VAL C 449 -2.97 26.37 2.43
CA VAL C 449 -2.12 27.53 2.10
C VAL C 449 -0.82 27.56 2.91
N ALA C 450 -0.93 27.31 4.21
CA ALA C 450 0.21 27.46 5.13
C ALA C 450 1.10 26.22 5.25
N PHE C 451 0.48 25.04 5.37
CA PHE C 451 1.22 23.81 5.66
C PHE C 451 2.43 23.57 4.76
N GLY C 452 2.28 23.84 3.46
CA GLY C 452 3.35 23.63 2.49
C GLY C 452 4.48 24.64 2.55
N LYS C 453 4.17 25.87 2.95
CA LYS C 453 5.14 26.98 2.93
C LYS C 453 6.37 26.72 3.79
N LYS C 454 6.16 26.11 4.95
CA LYS C 454 7.23 25.86 5.91
C LYS C 454 8.41 25.17 5.25
N THR C 455 8.14 24.01 4.66
CA THR C 455 9.18 23.16 4.07
C THR C 455 9.56 23.56 2.64
N ASP C 456 8.64 24.22 1.93
CA ASP C 456 8.90 24.70 0.57
C ASP C 456 8.46 26.16 0.39
N PRO C 457 9.25 27.11 0.93
CA PRO C 457 8.88 28.52 0.85
C PRO C 457 8.83 29.08 -0.57
N GLN C 458 9.53 28.42 -1.50
CA GLN C 458 9.61 28.88 -2.87
C GLN C 458 8.56 28.23 -3.78
N GLY C 459 7.96 27.14 -3.31
CA GLY C 459 6.93 26.43 -4.07
C GLY C 459 7.47 25.62 -5.23
N HIS C 460 8.74 25.21 -5.14
CA HIS C 460 9.38 24.38 -6.16
C HIS C 460 8.52 23.17 -6.55
N TYR C 461 7.83 22.62 -5.54
CA TYR C 461 6.92 21.50 -5.71
C TYR C 461 5.71 21.87 -6.57
N ILE C 462 5.16 23.06 -6.32
CA ILE C 462 4.01 23.55 -7.07
C ILE C 462 4.40 23.85 -8.51
N ARG C 463 5.56 24.48 -8.69
CA ARG C 463 6.05 24.84 -10.01
C ARG C 463 6.22 23.60 -10.90
N LYS C 464 6.62 22.48 -10.29
CA LYS C 464 6.83 21.24 -11.02
C LYS C 464 5.51 20.60 -11.47
N TYR C 465 4.58 20.43 -10.53
CA TYR C 465 3.37 19.66 -10.79
C TYR C 465 2.17 20.47 -11.27
N VAL C 466 2.16 21.75 -10.94
CA VAL C 466 1.19 22.71 -11.48
C VAL C 466 1.96 23.77 -12.27
N PRO C 467 2.46 23.41 -13.47
CA PRO C 467 3.34 24.32 -14.21
C PRO C 467 2.65 25.57 -14.75
N GLU C 468 1.32 25.60 -14.71
CA GLU C 468 0.55 26.77 -15.13
C GLU C 468 0.96 28.03 -14.34
N LEU C 469 1.27 27.82 -13.06
CA LEU C 469 1.55 28.93 -12.14
C LEU C 469 3.03 29.07 -11.81
N SER C 470 3.90 28.55 -12.68
CA SER C 470 5.34 28.51 -12.42
C SER C 470 6.04 29.88 -12.46
N LYS C 471 5.37 30.90 -13.00
CA LYS C 471 5.94 32.24 -13.05
C LYS C 471 5.56 33.08 -11.82
N TYR C 472 4.58 32.59 -11.05
CA TYR C 472 4.10 33.27 -9.85
C TYR C 472 5.18 33.37 -8.78
N PRO C 473 5.29 34.54 -8.12
CA PRO C 473 6.25 34.71 -7.04
C PRO C 473 5.87 33.86 -5.84
N ALA C 474 6.83 33.63 -4.95
CA ALA C 474 6.60 32.83 -3.75
C ALA C 474 5.57 33.47 -2.82
N GLY C 475 5.32 34.77 -3.00
CA GLY C 475 4.37 35.51 -2.17
C GLY C 475 2.91 35.16 -2.37
N CYS C 476 2.56 34.64 -3.55
CA CYS C 476 1.17 34.31 -3.85
C CYS C 476 1.01 33.10 -4.77
N ILE C 477 2.06 32.28 -4.87
CA ILE C 477 1.97 31.03 -5.64
C ILE C 477 1.13 30.00 -4.90
N TYR C 478 1.07 30.11 -3.57
CA TYR C 478 0.24 29.24 -2.74
C TYR C 478 -1.20 29.73 -2.72
N GLU C 479 -1.38 31.01 -3.03
CA GLU C 479 -2.69 31.66 -3.01
C GLU C 479 -2.82 32.63 -4.19
N PRO C 480 -3.11 32.10 -5.39
CA PRO C 480 -3.15 32.91 -6.61
C PRO C 480 -4.27 33.95 -6.62
N TRP C 481 -5.37 33.67 -5.91
CA TRP C 481 -6.52 34.56 -5.85
C TRP C 481 -6.19 35.90 -5.18
N LYS C 482 -4.97 36.02 -4.69
CA LYS C 482 -4.51 37.20 -3.98
C LYS C 482 -3.88 38.22 -4.94
N ALA C 483 -3.59 37.78 -6.17
CA ALA C 483 -2.93 38.61 -7.17
C ALA C 483 -3.92 39.22 -8.17
N SER C 484 -3.60 40.42 -8.65
CA SER C 484 -4.45 41.16 -9.59
C SER C 484 -4.53 40.50 -10.97
N LEU C 485 -5.45 40.97 -11.81
CA LEU C 485 -5.61 40.49 -13.17
C LEU C 485 -4.40 40.84 -14.03
N VAL C 486 -3.92 42.07 -13.92
CA VAL C 486 -2.70 42.48 -14.61
C VAL C 486 -1.55 41.56 -14.22
N ASP C 487 -1.38 41.34 -12.92
CA ASP C 487 -0.39 40.39 -12.41
C ASP C 487 -0.58 38.99 -13.00
N GLN C 488 -1.82 38.49 -12.97
CA GLN C 488 -2.15 37.19 -13.56
C GLN C 488 -1.62 37.10 -14.99
N ARG C 489 -1.87 38.15 -15.77
CA ARG C 489 -1.41 38.22 -17.16
C ARG C 489 0.12 38.23 -17.23
N ALA C 490 0.74 39.00 -16.35
CA ALA C 490 2.20 39.10 -16.28
C ALA C 490 2.87 37.77 -15.91
N TYR C 491 2.13 36.91 -15.21
CA TYR C 491 2.62 35.59 -14.82
C TYR C 491 2.21 34.53 -15.83
N GLY C 492 1.48 34.95 -16.86
CA GLY C 492 1.07 34.06 -17.95
C GLY C 492 -0.02 33.07 -17.57
N CYS C 493 -0.66 33.31 -16.43
CA CYS C 493 -1.72 32.44 -15.97
C CYS C 493 -2.91 33.22 -15.41
N VAL C 494 -3.94 33.37 -16.24
CA VAL C 494 -5.16 34.04 -15.81
C VAL C 494 -6.11 33.03 -15.16
N LEU C 495 -6.51 33.32 -13.93
CA LEU C 495 -7.40 32.45 -13.16
C LEU C 495 -8.78 32.35 -13.83
N GLY C 496 -9.32 31.12 -13.85
CA GLY C 496 -10.60 30.85 -14.51
C GLY C 496 -10.43 30.29 -15.91
N THR C 497 -9.24 30.43 -16.47
CA THR C 497 -8.95 29.93 -17.82
C THR C 497 -7.81 28.91 -17.77
N ASP C 498 -6.63 29.36 -17.37
CA ASP C 498 -5.45 28.52 -17.34
C ASP C 498 -5.40 27.68 -16.06
N TYR C 499 -6.06 28.18 -15.02
CA TYR C 499 -6.10 27.54 -13.71
C TYR C 499 -7.39 27.90 -12.99
N PRO C 500 -8.10 26.90 -12.42
CA PRO C 500 -9.43 27.11 -11.81
C PRO C 500 -9.46 28.15 -10.70
N HIS C 501 -10.63 28.76 -10.50
CA HIS C 501 -10.89 29.54 -9.29
C HIS C 501 -11.04 28.53 -8.16
N ARG C 502 -10.57 28.89 -6.97
CA ARG C 502 -10.67 27.99 -5.81
C ARG C 502 -12.13 27.63 -5.52
N ILE C 503 -12.39 26.33 -5.46
CA ILE C 503 -13.76 25.80 -5.37
C ILE C 503 -14.49 26.15 -4.05
N VAL C 504 -13.73 26.32 -2.98
CA VAL C 504 -14.27 26.75 -1.68
C VAL C 504 -13.34 27.77 -1.03
N LYS C 505 -13.83 28.44 0.02
CA LYS C 505 -13.00 29.36 0.78
C LYS C 505 -12.61 28.76 2.13
N HIS C 506 -11.38 28.27 2.21
CA HIS C 506 -10.87 27.57 3.39
C HIS C 506 -11.08 28.36 4.68
N GLU C 507 -10.70 29.63 4.66
CA GLU C 507 -10.83 30.53 5.81
C GLU C 507 -12.27 30.65 6.33
N VAL C 508 -13.21 30.15 5.54
CA VAL C 508 -14.63 30.17 5.91
C VAL C 508 -15.12 28.76 6.24
N VAL C 509 -14.88 27.81 5.34
CA VAL C 509 -15.47 26.47 5.43
C VAL C 509 -14.97 25.61 6.60
N HIS C 510 -13.68 25.72 6.91
CA HIS C 510 -13.07 24.82 7.90
C HIS C 510 -13.63 25.02 9.30
N LYS C 511 -14.01 26.27 9.60
CA LYS C 511 -14.58 26.61 10.89
C LYS C 511 -16.02 26.12 11.02
N GLU C 512 -16.76 26.16 9.92
CA GLU C 512 -18.12 25.58 9.89
C GLU C 512 -18.05 24.06 10.00
N ASN C 513 -17.04 23.47 9.37
CA ASN C 513 -16.79 22.02 9.46
C ASN C 513 -16.31 21.56 10.83
N ILE C 514 -15.58 22.43 11.55
CA ILE C 514 -15.17 22.12 12.92
C ILE C 514 -16.39 21.90 13.80
N LYS C 515 -17.40 22.77 13.65
CA LYS C 515 -18.65 22.67 14.39
C LYS C 515 -19.43 21.42 13.97
N ARG C 516 -19.45 21.16 12.66
CA ARG C 516 -20.09 19.97 12.09
C ARG C 516 -19.52 18.69 12.69
N MET C 517 -18.24 18.72 13.04
CA MET C 517 -17.56 17.62 13.72
C MET C 517 -18.10 17.46 15.13
N GLY C 518 -18.11 18.57 15.89
CA GLY C 518 -18.58 18.58 17.27
C GLY C 518 -20.02 18.09 17.41
N ALA C 519 -20.86 18.51 16.47
CA ALA C 519 -22.25 18.07 16.42
C ALA C 519 -22.33 16.54 16.28
N ALA C 520 -21.53 15.99 15.36
CA ALA C 520 -21.49 14.54 15.12
C ALA C 520 -20.85 13.79 16.29
N TYR C 521 -19.90 14.45 16.95
CA TYR C 521 -19.23 13.89 18.12
C TYR C 521 -20.18 13.74 19.32
N LYS C 522 -20.98 14.77 19.58
CA LYS C 522 -22.03 14.73 20.59
C LYS C 522 -23.04 13.61 20.32
N VAL C 523 -23.57 13.58 19.09
CA VAL C 523 -24.51 12.54 18.67
C VAL C 523 -23.99 11.14 19.02
N ASN C 524 -22.70 10.91 18.79
CA ASN C 524 -22.08 9.61 19.01
C ASN C 524 -22.02 9.15 20.47
N ARG C 525 -21.70 10.07 21.38
CA ARG C 525 -21.75 9.78 22.81
C ARG C 525 -23.18 9.51 23.29
N GLU C 526 -24.14 10.21 22.68
CA GLU C 526 -25.57 10.00 22.93
C GLU C 526 -26.04 8.60 22.53
N VAL C 527 -25.12 7.79 22.02
CA VAL C 527 -25.36 6.37 21.72
C VAL C 527 -24.48 5.51 22.63
N ARG C 528 -23.48 6.14 23.25
CA ARG C 528 -22.48 5.43 24.04
C ARG C 528 -22.33 6.02 25.44
PA FAD D . 8.36 5.78 5.58
O1A FAD D . 9.69 5.69 4.90
O2A FAD D . 8.21 7.07 6.35
O5B FAD D . 8.15 4.53 6.57
C5B FAD D . 8.58 3.24 6.18
C4B FAD D . 7.41 2.26 6.17
O4B FAD D . 6.61 2.39 7.33
C3B FAD D . 6.48 2.48 5.00
O3B FAD D . 6.92 1.78 3.87
C2B FAD D . 5.14 1.99 5.53
O2B FAD D . 4.95 0.63 5.26
C1B FAD D . 5.25 2.17 7.02
N9A FAD D . 4.42 3.34 7.41
C8A FAD D . 4.82 4.65 7.48
N7A FAD D . 3.76 5.40 7.87
C5A FAD D . 2.70 4.59 8.06
C6A FAD D . 1.39 4.84 8.46
N6A FAD D . 0.90 6.07 8.41
N1A FAD D . 0.50 3.79 8.58
C2A FAD D . 0.92 2.51 8.30
N3A FAD D . 2.22 2.26 7.89
C4A FAD D . 3.10 3.29 7.79
N1 FAD D . 0.43 3.66 3.19
C2 FAD D . 0.38 2.46 2.50
O2 FAD D . 1.35 1.72 2.51
N3 FAD D . -0.76 2.12 1.81
C4 FAD D . -1.86 2.96 1.80
O4 FAD D . -2.79 2.71 1.04
C4X FAD D . -1.82 4.17 2.50
N5 FAD D . -2.90 5.04 2.51
C5X FAD D . -2.84 6.23 3.20
C6 FAD D . -3.94 7.08 3.20
C7 FAD D . -3.89 8.29 3.90
C7M FAD D . -5.14 9.11 4.02
C8 FAD D . -2.73 8.64 4.60
C8M FAD D . -2.60 9.96 5.29
C9 FAD D . -1.64 7.78 4.60
C9A FAD D . -1.67 6.57 3.90
N10 FAD D . -0.57 5.71 3.91
C10 FAD D . -0.66 4.52 3.20
C1' FAD D . 0.36 5.76 5.09
C2' FAD D . 1.69 6.46 4.79
O2' FAD D . 1.42 7.69 4.18
C3' FAD D . 2.64 5.63 3.91
O3' FAD D . 2.86 4.36 4.50
C4' FAD D . 3.97 6.30 3.66
O4' FAD D . 3.78 7.60 3.16
C5' FAD D . 4.77 5.51 2.64
O5' FAD D . 5.99 6.15 2.35
P FAD D . 7.38 5.58 2.92
O1P FAD D . 7.57 4.16 2.45
O2P FAD D . 8.52 6.46 2.50
O3P FAD D . 7.16 5.61 4.52
#